data_3MW8
#
_entry.id   3MW8
#
_cell.length_a   51.390
_cell.length_b   50.073
_cell.length_c   58.255
_cell.angle_alpha   90.000
_cell.angle_beta   90.040
_cell.angle_gamma   90.000
#
_symmetry.space_group_name_H-M   'P 1 21 1'
#
loop_
_entity.id
_entity.type
_entity.pdbx_description
1 polymer 'Uroporphyrinogen-III synthase'
2 non-polymer 1,2-ETHANEDIOL
3 water water
#
_entity_poly.entity_id   1
_entity_poly.type   'polypeptide(L)'
_entity_poly.pdbx_seq_one_letter_code
;G(MSE)KLLLTRPEGKNAA(MSE)ASALDALAIPYLVEPLLSVEAAAVTQAQLDELSRADILIFISTSAVSFATPWLKDQ
WPKATYYAVGDATADALALQGITAERSPADSQATEGLLTLPSLEQVSGKQIVIVRGKGGREA(MSE)ADGLRLRGANVSY
LEVYQRACPPLDAPASVSRWQSFGIDTIVVTSGEVLENLINLVPKDSFAWLRDCHIIVPSARVETQARKKGLRRVTNAGA
ANQAAVLDALG(MSE)
;
_entity_poly.pdbx_strand_id   A
#
loop_
_chem_comp.id
_chem_comp.type
_chem_comp.name
_chem_comp.formula
EDO non-polymer 1,2-ETHANEDIOL 'C2 H6 O2'
#
# COMPACT_ATOMS: atom_id res chain seq x y z
N GLY A 1 15.56 7.09 27.48
CA GLY A 1 14.11 7.34 27.25
C GLY A 1 13.62 6.44 26.10
N MSE A 2 12.64 6.95 25.37
CA MSE A 2 11.98 6.16 24.35
C MSE A 2 12.87 5.96 23.11
O MSE A 2 13.67 6.83 22.73
CB MSE A 2 10.63 6.78 23.94
CG MSE A 2 10.77 7.92 23.03
SE MSE A 2 9.09 8.82 22.64
CE MSE A 2 8.53 9.54 24.37
N LYS A 3 12.67 4.80 22.51
CA LYS A 3 13.38 4.38 21.30
C LYS A 3 12.36 3.73 20.39
N LEU A 4 12.26 4.27 19.18
CA LEU A 4 11.15 3.95 18.30
C LEU A 4 11.47 3.03 17.14
N LEU A 5 10.53 2.12 16.87
CA LEU A 5 10.57 1.41 15.63
C LEU A 5 9.53 1.96 14.64
N LEU A 6 10.01 2.32 13.45
CA LEU A 6 9.21 2.86 12.34
C LEU A 6 9.03 1.76 11.32
N THR A 7 7.80 1.57 10.84
CA THR A 7 7.44 0.34 10.13
C THR A 7 6.71 0.54 8.80
N ARG A 8 6.64 1.76 8.28
CA ARG A 8 5.98 2.01 6.99
C ARG A 8 6.77 1.41 5.87
N PRO A 9 6.14 1.26 4.68
CA PRO A 9 6.84 0.72 3.52
C PRO A 9 8.12 1.44 3.19
N GLU A 10 9.08 0.70 2.65
CA GLU A 10 10.34 1.27 2.14
C GLU A 10 10.10 2.59 1.39
N GLY A 11 10.80 3.63 1.80
CA GLY A 11 10.65 4.93 1.21
C GLY A 11 9.68 5.87 1.89
N LYS A 12 8.91 5.37 2.85
CA LYS A 12 7.88 6.17 3.48
C LYS A 12 8.17 6.59 4.93
N ASN A 13 9.41 6.44 5.36
CA ASN A 13 9.78 6.70 6.77
C ASN A 13 10.63 7.94 6.97
N ALA A 14 10.97 8.65 5.89
CA ALA A 14 12.02 9.66 6.03
C ALA A 14 11.54 10.86 6.84
N ALA A 15 10.27 11.23 6.70
CA ALA A 15 9.78 12.42 7.38
C ALA A 15 9.83 12.19 8.87
N MSE A 16 9.30 11.03 9.29
CA MSE A 16 9.32 10.70 10.71
C MSE A 16 10.76 10.52 11.25
O MSE A 16 11.13 10.99 12.34
CB MSE A 16 8.46 9.47 10.94
CG MSE A 16 8.23 9.17 12.33
SE MSE A 16 7.03 10.44 13.26
CE MSE A 16 7.26 9.40 14.93
N ALA A 17 11.61 9.86 10.48
CA ALA A 17 13.03 9.75 10.87
C ALA A 17 13.65 11.13 11.12
N SER A 18 13.33 12.09 10.26
CA SER A 18 13.88 13.44 10.41
CA SER A 18 13.88 13.44 10.42
C SER A 18 13.38 14.15 11.68
N ALA A 19 12.09 13.99 11.98
CA ALA A 19 11.56 14.55 13.21
C ALA A 19 12.26 13.95 14.42
N LEU A 20 12.46 12.64 14.43
CA LEU A 20 13.18 11.98 15.50
C LEU A 20 14.65 12.37 15.56
N ASP A 21 15.31 12.56 14.39
CA ASP A 21 16.70 13.10 14.34
C ASP A 21 16.76 14.43 15.08
N ALA A 22 15.78 15.32 14.81
CA ALA A 22 15.77 16.67 15.37
C ALA A 22 15.69 16.57 16.86
N LEU A 23 14.77 15.71 17.33
CA LEU A 23 14.55 15.46 18.78
C LEU A 23 15.58 14.59 19.46
N ALA A 24 16.53 14.02 18.69
CA ALA A 24 17.56 13.16 19.23
C ALA A 24 16.92 11.93 19.89
N ILE A 25 15.87 11.41 19.25
CA ILE A 25 15.19 10.19 19.70
CA ILE A 25 15.22 10.19 19.73
C ILE A 25 15.75 9.02 18.93
N PRO A 26 16.34 8.03 19.61
CA PRO A 26 16.86 6.91 18.83
C PRO A 26 15.73 6.11 18.16
N TYR A 27 15.99 5.61 16.96
CA TYR A 27 15.02 4.83 16.25
C TYR A 27 15.68 3.88 15.25
N LEU A 28 14.92 2.84 14.91
CA LEU A 28 15.24 1.96 13.80
C LEU A 28 14.09 1.96 12.79
N VAL A 29 14.44 1.74 11.53
CA VAL A 29 13.46 1.69 10.47
C VAL A 29 13.43 0.27 9.92
N GLU A 30 12.26 -0.38 10.04
CA GLU A 30 12.07 -1.71 9.51
C GLU A 30 10.66 -1.84 8.89
N PRO A 31 10.57 -1.64 7.57
CA PRO A 31 9.25 -1.76 7.00
C PRO A 31 8.61 -3.13 7.29
N LEU A 32 7.35 -3.14 7.72
CA LEU A 32 6.58 -4.37 8.04
C LEU A 32 5.44 -4.58 7.03
N LEU A 33 5.45 -3.76 5.99
CA LEU A 33 4.46 -3.82 4.89
C LEU A 33 5.20 -3.47 3.60
N SER A 34 4.85 -4.16 2.52
CA SER A 34 5.52 -3.94 1.26
C SER A 34 4.55 -4.28 0.17
N VAL A 35 4.85 -3.80 -1.03
CA VAL A 35 4.24 -4.32 -2.22
C VAL A 35 5.32 -5.09 -2.97
N GLU A 36 4.95 -6.23 -3.54
CA GLU A 36 5.88 -7.06 -4.30
C GLU A 36 5.18 -7.58 -5.54
N ALA A 37 6.00 -8.08 -6.46
CA ALA A 37 5.44 -8.54 -7.74
C ALA A 37 4.54 -9.73 -7.58
N ALA A 38 3.44 -9.73 -8.32
CA ALA A 38 2.51 -10.86 -8.39
C ALA A 38 2.70 -11.60 -9.74
N ALA A 39 2.21 -12.84 -9.80
CA ALA A 39 2.37 -13.65 -11.01
C ALA A 39 1.50 -13.15 -12.15
N VAL A 40 2.08 -13.08 -13.33
CA VAL A 40 1.36 -12.75 -14.57
C VAL A 40 1.68 -13.87 -15.58
N THR A 41 0.67 -14.31 -16.34
CA THR A 41 0.81 -15.44 -17.26
C THR A 41 0.99 -14.95 -18.68
N GLN A 42 1.57 -15.81 -19.50
CA GLN A 42 1.70 -15.55 -20.93
C GLN A 42 0.32 -15.28 -21.53
N ALA A 43 -0.71 -16.08 -21.16
CA ALA A 43 -2.05 -15.85 -21.70
C ALA A 43 -2.58 -14.46 -21.36
N GLN A 44 -2.29 -13.98 -20.16
CA GLN A 44 -2.65 -12.58 -19.80
C GLN A 44 -1.94 -11.54 -20.66
N LEU A 45 -0.64 -11.73 -20.89
CA LEU A 45 0.10 -10.81 -21.75
C LEU A 45 -0.51 -10.85 -23.16
N ASP A 46 -0.78 -12.05 -23.65
CA ASP A 46 -1.33 -12.19 -25.01
C ASP A 46 -2.70 -11.49 -25.15
N GLU A 47 -3.54 -11.63 -24.13
CA GLU A 47 -4.89 -11.06 -24.12
C GLU A 47 -4.89 -9.52 -24.13
N LEU A 48 -3.88 -8.95 -23.49
CA LEU A 48 -3.71 -7.48 -23.43
C LEU A 48 -3.70 -6.82 -24.80
N SER A 49 -3.25 -7.53 -25.83
CA SER A 49 -3.30 -6.99 -27.21
C SER A 49 -4.73 -6.79 -27.75
N ARG A 50 -5.73 -7.45 -27.16
CA ARG A 50 -7.12 -7.23 -27.52
CA ARG A 50 -7.13 -7.25 -27.52
C ARG A 50 -7.80 -6.16 -26.64
N ALA A 51 -7.07 -5.56 -25.70
CA ALA A 51 -7.73 -4.57 -24.83
C ALA A 51 -7.98 -3.25 -25.51
N ASP A 52 -9.21 -2.74 -25.32
CA ASP A 52 -9.56 -1.39 -25.72
C ASP A 52 -9.10 -0.29 -24.76
N ILE A 53 -9.15 -0.59 -23.46
CA ILE A 53 -8.99 0.33 -22.40
C ILE A 53 -8.18 -0.31 -21.29
N LEU A 54 -7.18 0.40 -20.81
CA LEU A 54 -6.45 0.06 -19.60
C LEU A 54 -6.59 1.13 -18.53
N ILE A 55 -6.95 0.70 -17.34
CA ILE A 55 -7.12 1.56 -16.20
C ILE A 55 -6.16 1.26 -15.08
N PHE A 56 -5.29 2.22 -14.80
CA PHE A 56 -4.30 2.07 -13.73
C PHE A 56 -4.77 2.69 -12.41
N ILE A 57 -4.87 1.88 -11.36
CA ILE A 57 -5.47 2.44 -10.13
CA ILE A 57 -5.44 2.29 -10.06
C ILE A 57 -4.46 2.97 -9.11
N SER A 58 -3.15 2.77 -9.33
CA SER A 58 -2.16 3.29 -8.39
C SER A 58 -0.79 3.42 -9.05
N THR A 59 0.14 4.06 -8.34
CA THR A 59 1.49 4.17 -8.86
CA THR A 59 1.51 4.16 -8.85
C THR A 59 2.18 2.80 -8.88
N SER A 60 1.87 1.97 -7.90
CA SER A 60 2.37 0.59 -7.86
C SER A 60 1.91 -0.18 -9.06
N ALA A 61 0.70 0.06 -9.51
CA ALA A 61 0.19 -0.62 -10.69
C ALA A 61 1.04 -0.30 -11.91
N VAL A 62 1.42 0.99 -12.03
CA VAL A 62 2.34 1.37 -13.11
C VAL A 62 3.73 0.75 -12.96
N SER A 63 4.33 0.88 -11.78
CA SER A 63 5.67 0.39 -11.49
CA SER A 63 5.69 0.41 -11.59
C SER A 63 5.86 -1.10 -11.74
N PHE A 64 4.89 -1.89 -11.25
CA PHE A 64 4.97 -3.34 -11.36
C PHE A 64 4.48 -3.85 -12.70
N ALA A 65 3.74 -3.05 -13.44
CA ALA A 65 3.37 -3.43 -14.84
C ALA A 65 4.50 -3.19 -15.83
N THR A 66 5.34 -2.22 -15.51
CA THR A 66 6.40 -1.80 -16.41
C THR A 66 7.34 -2.90 -16.83
N PRO A 67 7.76 -3.80 -15.92
CA PRO A 67 8.62 -4.92 -16.41
C PRO A 67 7.91 -5.82 -17.45
N TRP A 68 6.60 -5.97 -17.37
CA TRP A 68 5.87 -6.79 -18.29
C TRP A 68 5.62 -6.07 -19.61
N LEU A 69 5.38 -4.75 -19.54
CA LEU A 69 4.82 -4.04 -20.66
C LEU A 69 5.83 -3.08 -21.37
N LYS A 70 7.00 -2.80 -20.77
CA LYS A 70 7.99 -1.90 -21.36
CA LYS A 70 7.96 -1.88 -21.36
C LYS A 70 8.20 -2.21 -22.84
N ASP A 71 7.99 -1.16 -23.69
CA ASP A 71 8.20 -1.18 -25.14
C ASP A 71 7.19 -2.06 -25.85
N GLN A 72 6.20 -2.58 -25.11
CA GLN A 72 5.09 -3.27 -25.75
C GLN A 72 3.74 -2.90 -25.10
N TRP A 73 3.60 -1.64 -24.73
CA TRP A 73 2.34 -1.14 -24.14
C TRP A 73 1.20 -1.32 -25.15
N PRO A 74 0.06 -1.88 -24.69
CA PRO A 74 -1.08 -2.04 -25.57
C PRO A 74 -1.55 -0.71 -26.17
N LYS A 75 -1.98 -0.80 -27.44
CA LYS A 75 -2.54 0.33 -28.16
C LYS A 75 -3.98 0.48 -27.70
N ALA A 76 -4.16 1.20 -26.61
CA ALA A 76 -5.43 1.33 -25.90
C ALA A 76 -5.61 2.74 -25.45
N THR A 77 -6.80 3.05 -24.94
CA THR A 77 -7.05 4.28 -24.22
C THR A 77 -6.69 3.98 -22.77
N TYR A 78 -5.93 4.88 -22.19
CA TYR A 78 -5.46 4.72 -20.79
C TYR A 78 -6.10 5.72 -19.82
N TYR A 79 -6.37 5.22 -18.61
CA TYR A 79 -6.86 6.00 -17.51
C TYR A 79 -5.97 5.84 -16.30
N ALA A 80 -5.93 6.88 -15.48
CA ALA A 80 -5.11 6.88 -14.27
C ALA A 80 -5.91 7.42 -13.09
N VAL A 81 -5.75 6.78 -11.95
CA VAL A 81 -6.26 7.25 -10.69
C VAL A 81 -5.16 7.90 -9.84
N GLY A 82 -5.24 9.21 -9.76
CA GLY A 82 -4.31 10.01 -8.93
C GLY A 82 -3.18 10.61 -9.77
N ASP A 83 -2.68 11.74 -9.31
CA ASP A 83 -1.59 12.42 -10.06
C ASP A 83 -0.32 11.63 -10.16
N ALA A 84 0.06 10.97 -9.08
CA ALA A 84 1.27 10.16 -9.10
C ALA A 84 1.19 9.04 -10.15
N THR A 85 -0.01 8.42 -10.28
CA THR A 85 -0.23 7.38 -11.29
C THR A 85 -0.09 7.92 -12.74
N ALA A 86 -0.67 9.08 -12.97
CA ALA A 86 -0.59 9.74 -14.24
C ALA A 86 0.85 10.10 -14.63
N ASP A 87 1.58 10.62 -13.65
CA ASP A 87 3.01 10.97 -13.83
C ASP A 87 3.80 9.72 -14.19
N ALA A 88 3.54 8.65 -13.48
CA ALA A 88 4.25 7.41 -13.76
C ALA A 88 4.02 6.92 -15.19
N LEU A 89 2.77 6.96 -15.66
CA LEU A 89 2.40 6.58 -17.04
C LEU A 89 3.11 7.54 -18.03
N ALA A 90 3.06 8.83 -17.73
CA ALA A 90 3.70 9.81 -18.61
C ALA A 90 5.17 9.52 -18.80
N LEU A 91 5.85 9.16 -17.72
CA LEU A 91 7.24 8.75 -17.82
C LEU A 91 7.49 7.55 -18.71
N GLN A 92 6.52 6.64 -18.80
CA GLN A 92 6.55 5.50 -19.69
C GLN A 92 6.05 5.82 -21.09
N GLY A 93 5.83 7.11 -21.39
CA GLY A 93 5.39 7.50 -22.72
C GLY A 93 3.92 7.50 -23.01
N ILE A 94 3.09 7.41 -21.96
CA ILE A 94 1.67 7.22 -22.13
C ILE A 94 0.91 8.39 -21.50
N THR A 95 -0.01 8.95 -22.26
CA THR A 95 -0.89 10.01 -21.74
C THR A 95 -2.19 9.36 -21.30
N ALA A 96 -2.50 9.42 -20.01
N ALA A 96 -2.48 9.48 -20.02
CA ALA A 96 -3.72 8.81 -19.49
CA ALA A 96 -3.72 9.01 -19.48
C ALA A 96 -4.70 9.85 -18.92
C ALA A 96 -4.78 10.11 -19.53
N GLU A 97 -5.99 9.69 -19.22
CA GLU A 97 -7.00 10.58 -18.63
C GLU A 97 -7.13 10.25 -17.13
N ARG A 98 -7.17 11.30 -16.31
CA ARG A 98 -7.26 11.14 -14.86
CA ARG A 98 -7.22 11.13 -14.86
C ARG A 98 -8.63 11.20 -14.28
N SER A 99 -8.80 10.45 -13.18
CA SER A 99 -9.95 10.61 -12.33
C SER A 99 -10.08 12.13 -12.06
N PRO A 100 -11.28 12.69 -12.33
CA PRO A 100 -11.43 14.16 -12.33
C PRO A 100 -11.43 14.78 -10.93
N GLN A 104 -9.79 12.66 -6.83
CA GLN A 104 -8.99 11.59 -7.46
C GLN A 104 -9.36 10.20 -6.93
N ALA A 105 -10.60 10.04 -6.46
CA ALA A 105 -11.10 8.74 -6.02
C ALA A 105 -11.34 7.86 -7.23
N THR A 106 -11.17 6.56 -7.06
CA THR A 106 -11.25 5.65 -8.19
C THR A 106 -12.62 5.77 -8.85
N GLU A 107 -13.66 5.88 -8.02
CA GLU A 107 -15.03 5.95 -8.51
C GLU A 107 -15.33 7.19 -9.37
N GLY A 108 -14.50 8.22 -9.26
CA GLY A 108 -14.59 9.40 -10.14
C GLY A 108 -14.56 9.08 -11.61
N LEU A 109 -13.93 7.95 -11.98
CA LEU A 109 -13.88 7.56 -13.37
C LEU A 109 -15.24 7.30 -13.98
N LEU A 110 -16.24 6.98 -13.14
CA LEU A 110 -17.60 6.72 -13.61
C LEU A 110 -18.39 7.97 -13.93
N THR A 111 -17.76 9.12 -13.77
CA THR A 111 -18.34 10.41 -14.20
C THR A 111 -17.70 10.92 -15.47
N LEU A 112 -16.73 10.20 -16.03
CA LEU A 112 -16.05 10.67 -17.26
C LEU A 112 -16.88 10.34 -18.50
N PRO A 113 -17.16 11.34 -19.36
CA PRO A 113 -17.90 11.06 -20.60
C PRO A 113 -17.33 9.94 -21.46
N SER A 114 -15.99 9.81 -21.48
CA SER A 114 -15.35 8.81 -22.31
C SER A 114 -15.58 7.39 -21.84
N LEU A 115 -16.01 7.18 -20.60
CA LEU A 115 -16.37 5.82 -20.13
C LEU A 115 -17.89 5.55 -20.04
N GLU A 116 -18.70 6.51 -20.50
CA GLU A 116 -20.16 6.34 -20.49
C GLU A 116 -20.60 5.21 -21.39
N GLN A 117 -20.01 5.08 -22.59
CA GLN A 117 -20.43 4.04 -23.52
C GLN A 117 -19.32 2.99 -23.68
N VAL A 118 -19.45 1.91 -22.94
CA VAL A 118 -18.43 0.88 -22.91
C VAL A 118 -18.94 -0.52 -23.14
N SER A 119 -20.19 -0.64 -23.60
CA SER A 119 -20.72 -1.97 -23.88
C SER A 119 -19.87 -2.74 -24.87
N GLY A 120 -19.49 -3.94 -24.48
CA GLY A 120 -18.68 -4.82 -25.30
C GLY A 120 -17.21 -4.45 -25.41
N LYS A 121 -16.78 -3.36 -24.76
CA LYS A 121 -15.37 -3.03 -24.75
C LYS A 121 -14.56 -3.90 -23.80
N GLN A 122 -13.33 -4.17 -24.22
CA GLN A 122 -12.39 -4.96 -23.46
C GLN A 122 -11.62 -4.00 -22.55
N ILE A 123 -11.90 -4.04 -21.26
CA ILE A 123 -11.31 -3.15 -20.29
C ILE A 123 -10.50 -3.94 -19.30
N VAL A 124 -9.26 -3.54 -19.11
CA VAL A 124 -8.35 -4.19 -18.20
C VAL A 124 -8.02 -3.21 -17.04
N ILE A 125 -8.20 -3.66 -15.80
CA ILE A 125 -7.89 -2.90 -14.60
C ILE A 125 -6.56 -3.38 -14.06
N VAL A 126 -5.55 -2.51 -14.09
CA VAL A 126 -4.23 -2.85 -13.59
C VAL A 126 -4.16 -2.41 -12.16
N ARG A 127 -3.94 -3.36 -11.28
CA ARG A 127 -4.20 -3.17 -9.83
C ARG A 127 -3.44 -4.19 -9.01
N GLY A 128 -3.54 -4.07 -7.67
CA GLY A 128 -3.00 -5.03 -6.74
C GLY A 128 -3.96 -6.17 -6.50
N LYS A 129 -3.42 -7.29 -6.05
CA LYS A 129 -4.19 -8.51 -5.84
C LYS A 129 -5.15 -8.31 -4.66
N GLY A 130 -6.36 -8.80 -4.82
CA GLY A 130 -7.31 -8.77 -3.72
C GLY A 130 -8.22 -7.56 -3.63
N GLY A 131 -9.22 -7.69 -2.76
CA GLY A 131 -10.11 -6.62 -2.46
C GLY A 131 -11.14 -6.36 -3.57
N ARG A 132 -11.99 -5.42 -3.31
CA ARG A 132 -13.07 -5.11 -4.19
C ARG A 132 -12.66 -3.97 -5.10
N GLU A 133 -13.33 -3.85 -6.24
CA GLU A 133 -13.09 -2.72 -7.10
C GLU A 133 -14.44 -2.25 -7.59
N ALA A 134 -15.12 -1.45 -6.77
CA ALA A 134 -16.47 -0.97 -7.09
C ALA A 134 -16.55 -0.19 -8.42
N MSE A 135 -15.50 0.58 -8.74
CA MSE A 135 -15.51 1.31 -9.97
C MSE A 135 -15.64 0.31 -11.13
O MSE A 135 -16.37 0.55 -12.09
CB MSE A 135 -14.22 2.13 -10.13
CG MSE A 135 -14.11 2.87 -11.44
SE MSE A 135 -13.23 1.80 -12.83
CE MSE A 135 -11.58 1.41 -11.92
N ALA A 136 -14.86 -0.77 -11.08
CA ALA A 136 -14.87 -1.74 -12.19
C ALA A 136 -16.16 -2.52 -12.25
N ASP A 137 -16.77 -2.74 -11.11
CA ASP A 137 -18.14 -3.30 -11.06
C ASP A 137 -19.13 -2.37 -11.80
N GLY A 138 -18.98 -1.06 -11.67
CA GLY A 138 -19.78 -0.13 -12.48
C GLY A 138 -19.60 -0.31 -13.97
N LEU A 139 -18.35 -0.56 -14.41
CA LEU A 139 -18.11 -0.84 -15.81
C LEU A 139 -18.75 -2.15 -16.26
N ARG A 140 -18.69 -3.17 -15.40
CA ARG A 140 -19.37 -4.43 -15.71
C ARG A 140 -20.86 -4.23 -15.92
N LEU A 141 -21.43 -3.42 -15.05
CA LEU A 141 -22.84 -3.06 -15.11
CA LEU A 141 -22.87 -3.09 -15.11
C LEU A 141 -23.18 -2.39 -16.43
N ARG A 142 -22.25 -1.56 -16.92
CA ARG A 142 -22.42 -0.90 -18.23
C ARG A 142 -22.20 -1.82 -19.42
N GLY A 143 -21.92 -3.09 -19.18
CA GLY A 143 -21.75 -4.02 -20.29
C GLY A 143 -20.34 -4.21 -20.80
N ALA A 144 -19.35 -3.65 -20.12
CA ALA A 144 -17.96 -3.87 -20.52
C ALA A 144 -17.51 -5.28 -20.12
N ASN A 145 -16.55 -5.78 -20.88
CA ASN A 145 -15.87 -7.04 -20.60
C ASN A 145 -14.62 -6.65 -19.79
N VAL A 146 -14.75 -6.79 -18.47
CA VAL A 146 -13.76 -6.32 -17.53
C VAL A 146 -12.88 -7.49 -17.06
N SER A 147 -11.58 -7.28 -17.09
CA SER A 147 -10.63 -8.21 -16.48
C SER A 147 -9.60 -7.41 -15.67
N TYR A 148 -8.84 -8.17 -14.87
CA TYR A 148 -7.81 -7.58 -14.06
C TYR A 148 -6.42 -8.03 -14.50
N LEU A 149 -5.46 -7.13 -14.43
CA LEU A 149 -4.02 -7.48 -14.48
C LEU A 149 -3.45 -7.12 -13.11
N GLU A 150 -3.36 -8.14 -12.27
CA GLU A 150 -2.97 -7.95 -10.84
C GLU A 150 -1.45 -8.09 -10.77
N VAL A 151 -0.75 -6.96 -10.87
CA VAL A 151 0.68 -6.98 -11.08
C VAL A 151 1.52 -6.91 -9.78
N TYR A 152 0.88 -6.57 -8.68
CA TYR A 152 1.53 -6.56 -7.38
C TYR A 152 0.59 -7.09 -6.32
N GLN A 153 1.15 -7.32 -5.13
CA GLN A 153 0.39 -7.81 -4.02
C GLN A 153 1.05 -7.25 -2.78
N ARG A 154 0.24 -7.02 -1.75
CA ARG A 154 0.77 -6.64 -0.46
C ARG A 154 1.37 -7.82 0.24
N ALA A 155 2.44 -7.56 1.00
CA ALA A 155 3.14 -8.60 1.72
C ALA A 155 3.80 -7.96 2.96
N CYS A 156 4.27 -8.78 3.86
CA CYS A 156 5.30 -8.37 4.83
C CYS A 156 6.64 -8.70 4.17
N PRO A 157 7.61 -7.76 4.16
CA PRO A 157 8.87 -8.04 3.43
C PRO A 157 9.57 -9.24 4.06
N PRO A 158 10.37 -9.96 3.27
CA PRO A 158 11.05 -11.13 3.84
C PRO A 158 11.98 -10.65 4.95
N LEU A 159 11.79 -11.17 6.16
CA LEU A 159 12.61 -10.81 7.33
C LEU A 159 12.97 -12.05 8.10
N ASP A 160 14.21 -12.07 8.59
CA ASP A 160 14.64 -13.05 9.55
C ASP A 160 14.04 -12.60 10.87
N ALA A 161 12.92 -13.21 11.29
CA ALA A 161 12.16 -12.67 12.44
C ALA A 161 12.98 -12.67 13.75
N PRO A 162 13.63 -13.80 14.06
CA PRO A 162 14.47 -13.81 15.27
C PRO A 162 15.57 -12.77 15.28
N ALA A 163 16.28 -12.64 14.15
CA ALA A 163 17.38 -11.68 14.04
C ALA A 163 16.84 -10.24 14.15
N SER A 164 15.69 -9.99 13.53
CA SER A 164 15.05 -8.68 13.68
C SER A 164 14.61 -8.37 15.10
N VAL A 165 13.88 -9.28 15.76
CA VAL A 165 13.45 -8.99 17.10
C VAL A 165 14.63 -8.81 18.03
N SER A 166 15.67 -9.64 17.84
CA SER A 166 16.89 -9.46 18.64
C SER A 166 17.52 -8.09 18.53
N ARG A 167 17.65 -7.61 17.29
CA ARG A 167 18.18 -6.28 16.99
C ARG A 167 17.33 -5.23 17.68
N TRP A 168 16.01 -5.34 17.58
CA TRP A 168 15.11 -4.36 18.22
C TRP A 168 15.33 -4.37 19.76
N GLN A 169 15.41 -5.56 20.36
CA GLN A 169 15.54 -5.65 21.81
C GLN A 169 16.90 -5.11 22.29
N SER A 170 17.97 -5.51 21.58
N SER A 170 17.98 -5.49 21.59
CA SER A 170 19.33 -5.08 21.90
CA SER A 170 19.31 -5.07 21.97
C SER A 170 19.51 -3.56 21.77
C SER A 170 19.57 -3.57 21.72
N PHE A 171 18.85 -3.00 20.75
CA PHE A 171 18.90 -1.58 20.49
C PHE A 171 18.19 -0.82 21.59
N GLY A 172 17.18 -1.45 22.17
CA GLY A 172 16.39 -0.88 23.23
C GLY A 172 15.05 -0.31 22.76
N ILE A 173 14.60 -0.74 21.58
CA ILE A 173 13.24 -0.40 21.15
C ILE A 173 12.20 -0.65 22.27
N ASP A 174 11.41 0.39 22.56
CA ASP A 174 10.27 0.29 23.47
C ASP A 174 8.95 0.91 23.03
N THR A 175 8.93 1.39 21.77
CA THR A 175 7.81 2.08 21.21
C THR A 175 7.80 1.68 19.76
N ILE A 176 6.63 1.27 19.29
CA ILE A 176 6.52 0.84 17.93
C ILE A 176 5.34 1.58 17.32
N VAL A 177 5.59 2.21 16.17
CA VAL A 177 4.51 2.93 15.49
C VAL A 177 3.95 2.07 14.34
N VAL A 178 2.67 1.77 14.37
CA VAL A 178 2.00 1.08 13.28
C VAL A 178 0.97 1.99 12.67
N THR A 179 0.91 1.99 11.35
CA THR A 179 0.03 2.92 10.68
C THR A 179 -1.21 2.28 10.02
N SER A 180 -1.43 0.99 10.24
CA SER A 180 -2.62 0.30 9.79
C SER A 180 -2.81 -1.01 10.53
N GLY A 181 -4.03 -1.50 10.43
CA GLY A 181 -4.33 -2.82 10.96
C GLY A 181 -3.53 -3.94 10.34
N GLU A 182 -3.25 -3.82 9.02
CA GLU A 182 -2.43 -4.80 8.35
C GLU A 182 -1.02 -4.84 8.92
N VAL A 183 -0.42 -3.67 9.12
CA VAL A 183 0.91 -3.62 9.71
C VAL A 183 0.89 -4.24 11.11
N LEU A 184 -0.14 -3.93 11.88
CA LEU A 184 -0.24 -4.51 13.25
C LEU A 184 -0.30 -6.02 13.19
N GLU A 185 -1.11 -6.57 12.28
N GLU A 185 -1.11 -6.56 12.28
CA GLU A 185 -1.21 -8.02 12.10
CA GLU A 185 -1.22 -8.00 12.10
C GLU A 185 0.14 -8.62 11.71
C GLU A 185 0.12 -8.63 11.69
N ASN A 186 0.84 -7.98 10.78
CA ASN A 186 2.17 -8.45 10.38
C ASN A 186 3.16 -8.47 11.54
N LEU A 187 3.10 -7.43 12.34
CA LEU A 187 3.96 -7.31 13.53
C LEU A 187 3.67 -8.46 14.49
N ILE A 188 2.40 -8.66 14.84
CA ILE A 188 2.03 -9.66 15.84
C ILE A 188 2.40 -11.03 15.29
N ASN A 189 2.19 -11.28 13.98
CA ASN A 189 2.55 -12.58 13.38
C ASN A 189 4.05 -12.81 13.20
N LEU A 190 4.83 -11.76 13.01
CA LEU A 190 6.27 -11.84 12.93
C LEU A 190 6.93 -12.21 14.28
N VAL A 191 6.36 -11.69 15.37
CA VAL A 191 6.99 -11.85 16.72
C VAL A 191 6.67 -13.24 17.29
N PRO A 192 7.70 -14.02 17.56
CA PRO A 192 7.44 -15.39 18.10
C PRO A 192 6.65 -15.43 19.43
N LYS A 193 5.89 -16.51 19.65
CA LYS A 193 5.07 -16.72 20.86
C LYS A 193 5.78 -16.33 22.15
N ASP A 194 7.05 -16.71 22.28
CA ASP A 194 7.71 -16.54 23.58
C ASP A 194 8.20 -15.10 23.74
N SER A 195 8.20 -14.33 22.65
CA SER A 195 8.44 -12.89 22.72
C SER A 195 7.19 -12.03 22.69
N PHE A 196 6.02 -12.63 22.71
CA PHE A 196 4.81 -11.85 22.84
C PHE A 196 4.86 -10.98 24.10
N ALA A 197 5.35 -11.52 25.23
CA ALA A 197 5.47 -10.70 26.45
C ALA A 197 6.26 -9.40 26.23
N TRP A 198 7.44 -9.48 25.62
CA TRP A 198 8.17 -8.27 25.23
C TRP A 198 7.33 -7.31 24.37
N LEU A 199 6.69 -7.79 23.29
CA LEU A 199 5.88 -6.94 22.42
C LEU A 199 4.73 -6.33 23.20
N ARG A 200 4.11 -7.14 24.06
CA ARG A 200 3.00 -6.68 24.87
C ARG A 200 3.40 -5.56 25.79
N ASP A 201 4.67 -5.50 26.18
CA ASP A 201 5.16 -4.43 27.04
C ASP A 201 5.64 -3.20 26.28
N CYS A 202 5.79 -3.30 24.95
CA CYS A 202 6.11 -2.12 24.14
C CYS A 202 4.87 -1.19 24.10
N HIS A 203 5.11 0.09 23.97
CA HIS A 203 4.08 1.06 23.73
C HIS A 203 3.87 1.07 22.22
N ILE A 204 2.66 0.69 21.84
CA ILE A 204 2.25 0.62 20.44
C ILE A 204 1.34 1.80 20.13
N ILE A 205 1.74 2.58 19.13
CA ILE A 205 0.96 3.68 18.67
C ILE A 205 0.22 3.21 17.44
N VAL A 206 -1.10 3.36 17.43
CA VAL A 206 -1.97 2.91 16.34
C VAL A 206 -2.73 4.12 15.77
N PRO A 207 -3.28 3.98 14.56
CA PRO A 207 -3.85 5.13 13.83
C PRO A 207 -5.32 5.39 14.11
N SER A 208 -5.98 4.48 14.78
CA SER A 208 -7.41 4.58 14.95
C SER A 208 -7.87 3.80 16.13
N ALA A 209 -9.06 4.16 16.61
CA ALA A 209 -9.64 3.39 17.68
C ALA A 209 -10.00 1.97 17.28
N ARG A 210 -10.43 1.80 16.02
CA ARG A 210 -10.66 0.49 15.48
C ARG A 210 -9.42 -0.39 15.59
N VAL A 211 -8.28 0.16 15.22
CA VAL A 211 -7.04 -0.63 15.34
C VAL A 211 -6.56 -0.81 16.78
N GLU A 212 -6.84 0.14 17.65
CA GLU A 212 -6.59 -0.05 19.08
C GLU A 212 -7.39 -1.28 19.62
N THR A 213 -8.67 -1.36 19.26
CA THR A 213 -9.54 -2.50 19.62
C THR A 213 -8.93 -3.78 19.05
N GLN A 214 -8.50 -3.74 17.78
CA GLN A 214 -7.85 -4.92 17.19
CA GLN A 214 -7.83 -4.89 17.17
C GLN A 214 -6.66 -5.31 18.03
N ALA A 215 -5.81 -4.34 18.39
CA ALA A 215 -4.64 -4.62 19.22
C ALA A 215 -4.99 -5.18 20.61
N ARG A 216 -6.01 -4.60 21.24
CA ARG A 216 -6.42 -5.05 22.59
C ARG A 216 -7.10 -6.41 22.49
N LYS A 217 -7.85 -6.70 21.40
CA LYS A 217 -8.48 -8.03 21.25
C LYS A 217 -7.38 -9.12 21.07
N LYS A 218 -6.16 -8.71 20.71
CA LYS A 218 -4.99 -9.63 20.60
C LYS A 218 -4.16 -9.71 21.88
N GLY A 219 -4.57 -8.95 22.90
CA GLY A 219 -3.91 -8.99 24.20
C GLY A 219 -2.86 -7.96 24.44
N LEU A 220 -2.69 -7.00 23.51
CA LEU A 220 -1.75 -5.93 23.74
C LEU A 220 -2.38 -4.97 24.73
N ARG A 221 -1.59 -4.35 25.57
CA ARG A 221 -2.17 -3.57 26.66
C ARG A 221 -1.75 -2.10 26.69
N ARG A 222 -0.56 -1.81 26.16
CA ARG A 222 -0.06 -0.42 26.14
C ARG A 222 -0.18 0.11 24.72
N VAL A 223 -1.34 0.66 24.42
CA VAL A 223 -1.73 1.03 23.07
C VAL A 223 -2.35 2.40 23.15
N THR A 224 -1.82 3.30 22.32
CA THR A 224 -2.31 4.67 22.25
C THR A 224 -2.80 4.89 20.86
N ASN A 225 -4.04 5.31 20.74
CA ASN A 225 -4.65 5.72 19.48
C ASN A 225 -4.25 7.16 19.21
N ALA A 226 -3.58 7.35 18.08
CA ALA A 226 -3.21 8.65 17.62
C ALA A 226 -4.35 9.41 16.97
N GLY A 227 -5.37 8.68 16.51
CA GLY A 227 -6.50 9.30 15.81
C GLY A 227 -6.40 9.33 14.31
N ALA A 228 -5.17 9.32 13.80
CA ALA A 228 -4.89 9.24 12.38
C ALA A 228 -3.48 8.67 12.23
N ALA A 229 -3.14 8.27 11.02
CA ALA A 229 -1.83 7.69 10.75
C ALA A 229 -0.72 8.75 10.49
N ASN A 230 -1.11 10.00 10.35
CA ASN A 230 -0.13 11.04 9.98
C ASN A 230 0.83 11.44 11.07
N GLN A 231 1.90 12.09 10.64
CA GLN A 231 3.01 12.35 11.51
C GLN A 231 2.65 13.25 12.68
N ALA A 232 1.87 14.29 12.43
CA ALA A 232 1.52 15.25 13.51
C ALA A 232 0.73 14.50 14.58
N ALA A 233 -0.16 13.63 14.12
CA ALA A 233 -1.01 12.84 15.05
C ALA A 233 -0.22 11.82 15.89
N VAL A 234 0.74 11.16 15.24
CA VAL A 234 1.63 10.24 15.89
C VAL A 234 2.59 10.91 16.86
N LEU A 235 3.19 12.04 16.43
CA LEU A 235 4.05 12.75 17.38
C LEU A 235 3.30 13.23 18.65
N ASP A 236 2.09 13.73 18.44
CA ASP A 236 1.22 14.16 19.55
C ASP A 236 0.94 13.01 20.46
N ALA A 237 0.71 11.83 19.90
CA ALA A 237 0.51 10.61 20.69
C ALA A 237 1.67 10.25 21.59
N LEU A 238 2.88 10.66 21.16
CA LEU A 238 4.12 10.39 21.90
C LEU A 238 4.50 11.56 22.80
N GLY A 239 3.76 12.66 22.69
CA GLY A 239 4.00 13.85 23.50
C GLY A 239 4.85 14.89 22.80
N MSE A 240 4.80 14.91 21.46
CA MSE A 240 5.56 15.87 20.65
C MSE A 240 4.80 16.48 19.46
O MSE A 240 3.58 16.60 19.44
OXT MSE A 240 5.39 16.89 18.46
CB MSE A 240 6.80 15.16 20.11
CG MSE A 240 8.03 15.47 20.91
SE MSE A 240 8.77 13.85 21.48
CE MSE A 240 8.19 13.85 23.36
C1 EDO B . -6.47 -2.08 7.65
O1 EDO B . -5.12 -2.35 7.28
C2 EDO B . -6.61 -0.61 7.92
O2 EDO B . -6.29 -0.34 9.31
C1 EDO C . -3.67 12.00 22.44
O1 EDO C . -2.35 12.53 22.28
C2 EDO C . -3.55 10.55 22.12
O2 EDO C . -3.43 10.43 20.70
C1 EDO D . -21.66 -7.49 -17.33
O1 EDO D . -20.61 -6.91 -18.16
C2 EDO D . -22.80 -8.13 -18.14
O2 EDO D . -23.76 -7.14 -18.54
C1 EDO E . 9.79 -2.21 26.74
O1 EDO E . 10.40 -1.87 27.98
C2 EDO E . 10.27 -3.57 26.26
O2 EDO E . 9.21 -4.52 26.34
C1 EDO F . -5.06 -10.62 -12.39
O1 EDO F . -3.79 -10.91 -12.96
C2 EDO F . -6.12 -11.60 -12.75
O2 EDO F . -5.74 -12.89 -12.28
C1 EDO G . -23.06 2.02 -21.65
O1 EDO G . -22.06 0.99 -21.75
C2 EDO G . -24.46 1.49 -21.90
O2 EDO G . -24.81 0.59 -20.84
C1 EDO H . -0.77 6.79 -24.79
O1 EDO H . -0.47 8.17 -24.97
C2 EDO H . -1.97 6.37 -25.64
O2 EDO H . -3.10 7.22 -25.39
C1 EDO I . 24.69 0.77 16.32
O1 EDO I . 24.02 -0.07 15.36
C2 EDO I . 24.73 0.06 17.68
O2 EDO I . 23.39 -0.22 18.12
C1 EDO J . 1.27 -7.50 -24.35
O1 EDO J . 1.76 -7.73 -25.68
C2 EDO J . 1.02 -6.02 -24.12
O2 EDO J . 0.83 -5.30 -25.34
C1 EDO K . -0.08 3.79 -26.35
O1 EDO K . 0.96 2.81 -26.24
C2 EDO K . -1.10 3.34 -27.40
O2 EDO K . -2.42 3.95 -27.29
C1 EDO L . -9.33 -10.25 -7.28
O1 EDO L . -8.05 -10.27 -6.57
C2 EDO L . -10.42 -9.75 -6.32
O2 EDO L . -9.87 -8.68 -5.53
C1 EDO M . -5.58 -9.45 -19.34
O1 EDO M . -6.81 -9.18 -20.05
C2 EDO M . -5.95 -9.35 -17.87
O2 EDO M . -5.22 -10.33 -17.10
#